data_7ULX
#
_entry.id   7ULX
#
_cell.length_a   73.435
_cell.length_b   47.590
_cell.length_c   81.120
_cell.angle_alpha   90.000
_cell.angle_beta   109.010
_cell.angle_gamma   90.000
#
_symmetry.space_group_name_H-M   'P 1 21 1'
#
loop_
_entity.id
_entity.type
_entity.pdbx_description
1 polymer 'N(G),N(G)-dimethylarginine dimethylaminohydrolase 1'
2 non-polymer N-(pyridin-2-yl)-L-asparagine
3 water water
#
_entity_poly.entity_id   1
_entity_poly.type   'polypeptide(L)'
_entity_poly.pdbx_seq_one_letter_code
;MGSSHHHHHHSSGLVPRGSHMASMAGLGHPAAFGRATHAVVRALPESLGQHALRSAKGEEVDVARAERQHQLYVGVLGSK
LGLQVVELPADESLPDCVFVEDVAVVCEETALITRPGAPSRRKEVDMMKEALEKLQLNIVEMKDENATLDGGDVLFTGRE
FFVGLSKRTNQRGAEILADTFKDYAVSTVPVADGLHLKSFCSMAGPNLIAIGSSESAQKALKIMQQMSDHRYDKLTVPDD
IAANCIYLNIPNKGHVLLHRTPEEYPESAKVYEKLKDHMLIPVSMSELEKVDGLLTCCSVLINKKVDS
;
_entity_poly.pdbx_strand_id   A,B
#
loop_
_chem_comp.id
_chem_comp.type
_chem_comp.name
_chem_comp.formula
NQ6 non-polymer N-(pyridin-2-yl)-L-asparagine 'C9 H11 N3 O3'
#
# COMPACT_ATOMS: atom_id res chain seq x y z
N ALA A 31 30.99 23.00 9.51
CA ALA A 31 31.24 21.67 10.03
C ALA A 31 29.96 21.05 10.60
N ALA A 32 28.94 21.90 10.79
CA ALA A 32 27.65 21.42 11.28
C ALA A 32 27.09 20.35 10.35
N PHE A 33 26.35 19.41 10.93
CA PHE A 33 25.73 18.38 10.11
C PHE A 33 24.73 19.00 9.15
N GLY A 34 24.75 18.52 7.91
CA GLY A 34 23.82 18.99 6.91
C GLY A 34 24.21 20.27 6.21
N ARG A 35 25.35 20.85 6.55
CA ARG A 35 25.84 22.01 5.83
C ARG A 35 26.15 21.63 4.39
N ALA A 36 25.66 22.45 3.46
CA ALA A 36 25.94 22.24 2.05
C ALA A 36 26.16 23.59 1.39
N THR A 37 27.01 23.57 0.36
CA THR A 37 27.21 24.75 -0.47
C THR A 37 26.85 24.51 -1.92
N HIS A 38 26.80 23.26 -2.34
CA HIS A 38 26.64 22.89 -3.74
C HIS A 38 25.66 21.73 -3.83
N ALA A 39 24.97 21.65 -4.96
CA ALA A 39 24.13 20.49 -5.26
C ALA A 39 24.32 20.12 -6.72
N VAL A 40 24.44 18.84 -6.99
CA VAL A 40 24.42 18.32 -8.36
C VAL A 40 23.06 17.70 -8.61
N VAL A 41 22.41 18.10 -9.71
CA VAL A 41 21.12 17.54 -10.12
C VAL A 41 21.21 17.19 -11.59
N ARG A 42 20.18 16.50 -12.09
CA ARG A 42 20.17 16.09 -13.50
C ARG A 42 18.74 16.10 -14.01
N ALA A 43 18.54 16.70 -15.18
CA ALA A 43 17.20 16.81 -15.74
C ALA A 43 16.67 15.44 -16.15
N LEU A 44 15.34 15.29 -16.10
CA LEU A 44 14.80 14.00 -16.51
C LEU A 44 14.51 13.98 -18.00
N PRO A 45 14.74 12.83 -18.63
CA PRO A 45 14.45 12.68 -20.06
C PRO A 45 12.98 12.35 -20.29
N GLU A 46 12.53 12.60 -21.52
CA GLU A 46 11.18 12.20 -21.88
C GLU A 46 10.97 10.71 -21.71
N SER A 47 12.03 9.91 -21.91
CA SER A 47 11.91 8.46 -21.81
C SER A 47 11.60 7.96 -20.41
N LEU A 48 11.77 8.79 -19.38
CA LEU A 48 11.50 8.32 -18.02
C LEU A 48 10.08 7.81 -17.89
N GLY A 49 9.12 8.48 -18.55
CA GLY A 49 7.72 8.15 -18.35
C GLY A 49 7.44 6.67 -18.59
N GLN A 50 7.95 6.13 -19.69
CA GLN A 50 7.70 4.74 -20.06
C GLN A 50 8.83 3.78 -19.69
N HIS A 51 10.06 4.27 -19.54
CA HIS A 51 11.23 3.39 -19.49
C HIS A 51 12.01 3.37 -18.18
N ALA A 52 11.76 4.30 -17.28
CA ALA A 52 12.42 4.23 -15.97
C ALA A 52 12.03 2.93 -15.27
N LEU A 53 12.98 2.32 -14.57
CA LEU A 53 12.65 1.15 -13.78
C LEU A 53 11.65 1.51 -12.69
N ARG A 54 10.77 0.57 -12.35
CA ARG A 54 9.78 0.85 -11.33
C ARG A 54 9.37 -0.43 -10.61
N SER A 55 9.03 -0.26 -9.33
CA SER A 55 8.77 -1.37 -8.43
C SER A 55 7.54 -2.15 -8.84
N ALA A 56 6.52 -1.48 -9.36
CA ALA A 56 5.27 -2.14 -9.70
C ALA A 56 4.56 -1.34 -10.77
N LYS A 57 3.93 -2.05 -11.71
CA LYS A 57 3.12 -1.39 -12.71
C LYS A 57 2.00 -0.62 -12.02
N GLY A 58 1.96 0.69 -12.25
CA GLY A 58 0.93 1.50 -11.63
C GLY A 58 0.38 2.56 -12.55
N GLU A 59 0.32 3.79 -12.05
CA GLU A 59 -0.28 4.89 -12.78
C GLU A 59 0.64 5.37 -13.89
N GLU A 60 0.03 6.01 -14.87
CA GLU A 60 0.78 6.66 -15.94
C GLU A 60 1.55 7.86 -15.37
N VAL A 61 2.83 7.96 -15.72
CA VAL A 61 3.60 9.14 -15.36
C VAL A 61 3.22 10.28 -16.28
N ASP A 62 2.94 11.44 -15.70
CA ASP A 62 2.81 12.67 -16.49
C ASP A 62 4.20 13.30 -16.54
N VAL A 63 4.87 13.16 -17.69
CA VAL A 63 6.26 13.61 -17.77
C VAL A 63 6.36 15.13 -17.66
N ALA A 64 5.45 15.86 -18.31
CA ALA A 64 5.43 17.32 -18.18
C ALA A 64 5.30 17.74 -16.72
N ARG A 65 4.42 17.10 -15.97
CA ARG A 65 4.25 17.43 -14.57
CA ARG A 65 4.26 17.46 -14.57
C ARG A 65 5.48 17.05 -13.74
N ALA A 66 6.10 15.91 -14.07
CA ALA A 66 7.35 15.53 -13.41
C ALA A 66 8.41 16.59 -13.65
N GLU A 67 8.50 17.10 -14.88
CA GLU A 67 9.47 18.13 -15.21
C GLU A 67 9.20 19.41 -14.42
N ARG A 68 7.92 19.83 -14.33
CA ARG A 68 7.60 21.00 -13.53
C ARG A 68 8.00 20.79 -12.06
N GLN A 69 7.70 19.61 -11.52
CA GLN A 69 8.04 19.35 -10.12
C GLN A 69 9.54 19.31 -9.91
N HIS A 70 10.26 18.72 -10.87
CA HIS A 70 11.72 18.73 -10.80
C HIS A 70 12.28 20.14 -10.89
N GLN A 71 11.72 20.98 -11.78
CA GLN A 71 12.18 22.36 -11.89
C GLN A 71 11.93 23.14 -10.60
N LEU A 72 10.81 22.92 -9.92
CA LEU A 72 10.60 23.60 -8.64
C LEU A 72 11.58 23.11 -7.59
N TYR A 73 11.81 21.81 -7.56
CA TYR A 73 12.78 21.23 -6.62
C TYR A 73 14.16 21.87 -6.78
N VAL A 74 14.61 22.01 -8.04
CA VAL A 74 15.90 22.67 -8.28
C VAL A 74 15.85 24.11 -7.83
N GLY A 75 14.69 24.78 -8.04
CA GLY A 75 14.54 26.16 -7.62
C GLY A 75 14.69 26.35 -6.13
N VAL A 76 14.20 25.40 -5.34
CA VAL A 76 14.36 25.49 -3.89
C VAL A 76 15.84 25.42 -3.52
N LEU A 77 16.56 24.45 -4.10
CA LEU A 77 17.96 24.28 -3.70
C LEU A 77 18.80 25.48 -4.11
N GLY A 78 18.56 26.02 -5.29
CA GLY A 78 19.42 27.04 -5.87
C GLY A 78 18.97 28.46 -5.61
N SER A 79 17.72 28.75 -5.93
CA SER A 79 17.23 30.12 -5.75
C SER A 79 16.85 30.41 -4.31
N LYS A 80 16.02 29.56 -3.71
CA LYS A 80 15.55 29.82 -2.35
C LYS A 80 16.67 29.66 -1.33
N LEU A 81 17.41 28.54 -1.39
CA LEU A 81 18.41 28.24 -0.37
C LEU A 81 19.81 28.73 -0.72
N GLY A 82 20.04 29.14 -1.98
CA GLY A 82 21.31 29.73 -2.33
C GLY A 82 22.42 28.76 -2.65
N LEU A 83 22.13 27.46 -2.76
CA LEU A 83 23.19 26.54 -3.13
C LEU A 83 23.62 26.80 -4.57
N GLN A 84 24.88 26.47 -4.86
CA GLN A 84 25.38 26.49 -6.22
C GLN A 84 25.00 25.18 -6.88
N VAL A 85 24.08 25.22 -7.84
CA VAL A 85 23.54 23.99 -8.44
C VAL A 85 24.25 23.71 -9.74
N VAL A 86 24.78 22.50 -9.87
CA VAL A 86 25.26 21.97 -11.15
C VAL A 86 24.13 21.16 -11.77
N GLU A 87 23.64 21.59 -12.93
CA GLU A 87 22.49 20.96 -13.58
C GLU A 87 22.97 20.14 -14.77
N LEU A 88 23.01 18.81 -14.61
CA LEU A 88 23.44 17.94 -15.69
C LEU A 88 22.30 17.73 -16.67
N PRO A 89 22.59 17.62 -17.96
CA PRO A 89 21.53 17.48 -18.97
C PRO A 89 20.98 16.05 -19.01
N ALA A 90 19.72 15.95 -19.41
CA ALA A 90 19.08 14.66 -19.55
C ALA A 90 19.73 13.86 -20.69
N ASP A 91 19.65 12.53 -20.57
CA ASP A 91 20.07 11.59 -21.60
C ASP A 91 18.91 10.64 -21.84
N GLU A 92 18.30 10.70 -23.03
CA GLU A 92 17.14 9.86 -23.33
C GLU A 92 17.44 8.36 -23.21
N SER A 93 18.69 7.95 -23.34
CA SER A 93 19.02 6.54 -23.21
C SER A 93 19.23 6.11 -21.76
N LEU A 94 19.15 7.04 -20.80
CA LEU A 94 19.30 6.75 -19.38
C LEU A 94 18.05 7.26 -18.68
N PRO A 95 16.96 6.49 -18.75
CA PRO A 95 15.66 6.98 -18.27
C PRO A 95 15.61 7.29 -16.79
N ASP A 96 16.50 6.72 -15.97
CA ASP A 96 16.53 7.00 -14.53
C ASP A 96 17.56 8.06 -14.15
N CYS A 97 18.14 8.77 -15.13
CA CYS A 97 19.30 9.62 -14.87
C CYS A 97 19.00 10.81 -13.95
N VAL A 98 17.72 11.13 -13.73
CA VAL A 98 17.36 12.17 -12.77
C VAL A 98 17.74 11.78 -11.35
N PHE A 99 17.88 10.49 -11.07
CA PHE A 99 18.13 10.02 -9.70
C PHE A 99 19.63 9.93 -9.42
N VAL A 100 20.26 11.12 -9.40
CA VAL A 100 21.70 11.26 -9.22
C VAL A 100 22.20 10.74 -7.89
N GLU A 101 21.36 10.67 -6.86
CA GLU A 101 21.84 10.18 -5.58
C GLU A 101 22.33 8.75 -5.69
N ASP A 102 21.74 7.97 -6.60
CA ASP A 102 22.16 6.58 -6.68
C ASP A 102 23.58 6.41 -7.21
N VAL A 103 24.13 7.40 -7.91
CA VAL A 103 25.42 7.21 -8.58
C VAL A 103 26.61 7.80 -7.82
N ALA A 104 26.40 8.49 -6.71
CA ALA A 104 27.53 9.04 -5.96
C ALA A 104 27.13 9.27 -4.51
N VAL A 105 28.08 9.02 -3.62
CA VAL A 105 27.95 9.31 -2.20
C VAL A 105 29.10 10.23 -1.81
N VAL A 106 28.78 11.40 -1.25
CA VAL A 106 29.79 12.38 -0.91
C VAL A 106 29.88 12.52 0.60
N CYS A 107 31.11 12.45 1.13
CA CYS A 107 31.34 12.71 2.55
C CYS A 107 32.56 13.60 2.64
N GLU A 108 32.38 14.78 3.23
CA GLU A 108 33.41 15.81 3.29
C GLU A 108 33.93 16.10 1.88
N GLU A 109 35.23 15.90 1.63
CA GLU A 109 35.80 16.20 0.32
C GLU A 109 36.03 14.96 -0.54
N THR A 110 35.42 13.83 -0.20
CA THR A 110 35.60 12.59 -0.95
C THR A 110 34.26 12.18 -1.55
N ALA A 111 34.27 11.83 -2.83
CA ALA A 111 33.11 11.33 -3.54
C ALA A 111 33.35 9.88 -3.96
N LEU A 112 32.52 8.98 -3.47
CA LEU A 112 32.46 7.62 -3.97
C LEU A 112 31.53 7.60 -5.18
N ILE A 113 32.06 7.30 -6.35
CA ILE A 113 31.25 7.02 -7.53
C ILE A 113 30.82 5.56 -7.42
N THR A 114 29.51 5.33 -7.37
CA THR A 114 29.02 3.99 -7.06
C THR A 114 29.01 3.10 -8.30
N ARG A 115 28.64 1.83 -8.10
CA ARG A 115 28.39 0.88 -9.18
C ARG A 115 26.93 0.45 -9.08
N PRO A 116 26.03 1.15 -9.76
CA PRO A 116 24.59 0.92 -9.56
C PRO A 116 24.18 -0.53 -9.79
N GLY A 117 23.25 -0.99 -8.95
CA GLY A 117 22.81 -2.37 -9.01
C GLY A 117 22.20 -2.75 -10.35
N ALA A 118 21.54 -1.80 -11.02
CA ALA A 118 20.97 -2.06 -12.34
C ALA A 118 22.03 -1.79 -13.39
N PRO A 119 22.51 -2.79 -14.13
CA PRO A 119 23.63 -2.54 -15.04
C PRO A 119 23.36 -1.43 -16.05
N SER A 120 22.13 -1.29 -16.50
CA SER A 120 21.88 -0.27 -17.52
C SER A 120 22.02 1.14 -16.98
N ARG A 121 22.04 1.32 -15.66
CA ARG A 121 22.26 2.65 -15.10
C ARG A 121 23.72 3.01 -14.96
N ARG A 122 24.63 2.07 -15.22
CA ARG A 122 26.03 2.34 -14.91
C ARG A 122 26.63 3.40 -15.83
N LYS A 123 26.07 3.63 -17.02
CA LYS A 123 26.57 4.75 -17.80
C LYS A 123 26.23 6.11 -17.21
N GLU A 124 25.39 6.17 -16.17
CA GLU A 124 25.12 7.46 -15.54
C GLU A 124 26.34 8.01 -14.79
N VAL A 125 27.29 7.15 -14.40
CA VAL A 125 28.38 7.65 -13.57
C VAL A 125 29.30 8.58 -14.35
N ASP A 126 29.36 8.44 -15.69
CA ASP A 126 30.32 9.22 -16.47
C ASP A 126 30.16 10.71 -16.21
N MET A 127 28.96 11.24 -16.45
CA MET A 127 28.74 12.68 -16.32
C MET A 127 28.90 13.14 -14.87
N MET A 128 28.48 12.31 -13.92
CA MET A 128 28.65 12.58 -12.49
C MET A 128 30.12 12.70 -12.13
N LYS A 129 30.95 11.75 -12.57
CA LYS A 129 32.36 11.81 -12.24
C LYS A 129 32.98 13.10 -12.75
N GLU A 130 32.59 13.53 -13.95
CA GLU A 130 33.11 14.77 -14.51
C GLU A 130 32.67 15.98 -13.69
N ALA A 131 31.39 16.02 -13.30
CA ALA A 131 30.90 17.13 -12.49
C ALA A 131 31.62 17.21 -11.15
N LEU A 132 31.85 16.06 -10.50
CA LEU A 132 32.48 16.10 -9.19
C LEU A 132 33.97 16.42 -9.30
N GLU A 133 34.61 15.97 -10.38
CA GLU A 133 36.01 16.32 -10.60
C GLU A 133 36.17 17.82 -10.84
N LYS A 134 35.21 18.44 -11.53
CA LYS A 134 35.30 19.89 -11.73
C LYS A 134 35.09 20.65 -10.43
N LEU A 135 34.29 20.10 -9.51
CA LEU A 135 34.15 20.66 -8.17
C LEU A 135 35.33 20.30 -7.25
N GLN A 136 36.37 19.66 -7.78
CA GLN A 136 37.62 19.42 -7.06
C GLN A 136 37.43 18.51 -5.86
N LEU A 137 36.56 17.52 -5.99
CA LEU A 137 36.45 16.48 -4.97
C LEU A 137 37.44 15.38 -5.28
N ASN A 138 37.92 14.72 -4.25
CA ASN A 138 38.71 13.51 -4.45
C ASN A 138 37.77 12.37 -4.83
N ILE A 139 38.05 11.72 -5.96
CA ILE A 139 37.15 10.72 -6.54
C ILE A 139 37.65 9.33 -6.23
N VAL A 140 36.77 8.48 -5.74
CA VAL A 140 37.00 7.04 -5.60
C VAL A 140 35.89 6.32 -6.34
N GLU A 141 36.27 5.42 -7.26
CA GLU A 141 35.32 4.75 -8.15
C GLU A 141 35.14 3.31 -7.72
N MET A 142 33.87 2.90 -7.57
CA MET A 142 33.53 1.50 -7.32
C MET A 142 33.62 0.77 -8.65
N LYS A 143 34.69 0.00 -8.84
CA LYS A 143 34.91 -0.72 -10.08
C LYS A 143 34.84 -2.23 -9.95
N ASP A 144 34.96 -2.76 -8.73
CA ASP A 144 34.92 -4.19 -8.48
C ASP A 144 33.72 -4.81 -9.19
N GLU A 145 33.97 -5.77 -10.08
CA GLU A 145 32.91 -6.35 -10.89
C GLU A 145 31.90 -7.15 -10.09
N ASN A 146 32.16 -7.38 -8.80
CA ASN A 146 31.27 -8.13 -7.93
C ASN A 146 30.56 -7.24 -6.93
N ALA A 147 30.74 -5.93 -7.04
CA ALA A 147 30.19 -4.96 -6.09
C ALA A 147 29.10 -4.16 -6.77
N THR A 148 27.98 -4.00 -6.07
CA THR A 148 26.97 -3.04 -6.50
C THR A 148 26.51 -2.23 -5.30
N LEU A 149 26.19 -0.97 -5.56
CA LEU A 149 25.68 -0.08 -4.53
C LEU A 149 24.92 1.06 -5.19
N ASP A 150 23.68 1.28 -4.74
CA ASP A 150 22.91 2.47 -5.06
C ASP A 150 23.05 3.45 -3.89
N GLY A 151 23.33 4.71 -4.23
CA GLY A 151 23.37 5.74 -3.20
C GLY A 151 22.09 5.86 -2.40
N GLY A 152 20.94 5.51 -2.99
CA GLY A 152 19.68 5.52 -2.25
C GLY A 152 19.61 4.55 -1.08
N ASP A 153 20.52 3.58 -1.04
CA ASP A 153 20.64 2.64 0.06
C ASP A 153 21.57 3.12 1.18
N VAL A 154 22.08 4.34 1.10
CA VAL A 154 23.09 4.82 2.04
C VAL A 154 22.49 5.95 2.87
N LEU A 155 22.46 5.77 4.19
CA LEU A 155 22.07 6.82 5.12
C LEU A 155 23.32 7.25 5.88
N PHE A 156 23.72 8.51 5.69
CA PHE A 156 24.84 9.09 6.43
C PHE A 156 24.26 9.98 7.53
N THR A 157 24.52 9.61 8.79
CA THR A 157 23.94 10.32 9.92
C THR A 157 24.75 11.53 10.37
N GLY A 158 25.93 11.76 9.78
CA GLY A 158 26.91 12.67 10.36
C GLY A 158 27.88 11.98 11.31
N ARG A 159 27.49 10.85 11.89
CA ARG A 159 28.34 10.08 12.80
C ARG A 159 28.78 8.75 12.23
N GLU A 160 28.01 8.17 11.31
CA GLU A 160 28.29 6.85 10.76
C GLU A 160 27.42 6.68 9.52
N PHE A 161 27.64 5.57 8.81
CA PHE A 161 26.82 5.18 7.67
C PHE A 161 26.04 3.93 8.02
N PHE A 162 24.81 3.86 7.53
CA PHE A 162 24.05 2.63 7.43
C PHE A 162 23.82 2.36 5.95
N VAL A 163 24.01 1.11 5.54
CA VAL A 163 23.87 0.73 4.13
C VAL A 163 22.84 -0.38 4.02
N GLY A 164 21.81 -0.15 3.21
CA GLY A 164 20.81 -1.17 2.97
C GLY A 164 21.35 -2.24 2.03
N LEU A 165 21.24 -3.50 2.45
CA LEU A 165 21.49 -4.63 1.56
C LEU A 165 20.16 -4.95 0.87
N SER A 166 20.09 -4.68 -0.42
CA SER A 166 18.82 -4.65 -1.14
C SER A 166 19.00 -5.42 -2.45
N LYS A 167 18.03 -5.27 -3.36
CA LYS A 167 18.23 -5.86 -4.67
C LYS A 167 19.21 -5.08 -5.52
N ARG A 168 19.56 -3.84 -5.12
CA ARG A 168 20.52 -3.04 -5.84
C ARG A 168 21.88 -2.93 -5.16
N THR A 169 21.96 -3.13 -3.84
CA THR A 169 23.19 -2.95 -3.08
C THR A 169 23.58 -4.25 -2.37
N ASN A 170 24.82 -4.70 -2.59
CA ASN A 170 25.24 -5.94 -1.98
C ASN A 170 26.35 -5.70 -0.96
N GLN A 171 26.75 -6.78 -0.29
CA GLN A 171 27.72 -6.70 0.79
C GLN A 171 29.05 -6.13 0.30
N ARG A 172 29.50 -6.56 -0.87
CA ARG A 172 30.78 -6.08 -1.39
C ARG A 172 30.74 -4.57 -1.61
N GLY A 173 29.63 -4.06 -2.16
CA GLY A 173 29.46 -2.62 -2.26
C GLY A 173 29.58 -1.93 -0.91
N ALA A 174 28.92 -2.48 0.12
CA ALA A 174 29.02 -1.93 1.47
C ALA A 174 30.45 -1.89 1.96
N GLU A 175 31.22 -2.97 1.71
CA GLU A 175 32.60 -3.02 2.18
C GLU A 175 33.46 -1.97 1.49
N ILE A 176 33.23 -1.75 0.20
CA ILE A 176 34.02 -0.76 -0.52
C ILE A 176 33.70 0.65 -0.03
N LEU A 177 32.42 0.91 0.28
CA LEU A 177 32.09 2.18 0.92
C LEU A 177 32.81 2.34 2.25
N ALA A 178 32.82 1.29 3.07
CA ALA A 178 33.51 1.36 4.35
C ALA A 178 34.99 1.62 4.16
N ASP A 179 35.58 1.01 3.12
CA ASP A 179 36.99 1.23 2.83
C ASP A 179 37.24 2.65 2.31
N THR A 180 36.24 3.24 1.67
CA THR A 180 36.40 4.59 1.12
C THR A 180 36.30 5.66 2.20
N PHE A 181 35.40 5.49 3.17
CA PHE A 181 35.26 6.45 4.25
C PHE A 181 35.71 5.81 5.56
N LYS A 182 37.02 5.62 5.69
CA LYS A 182 37.59 4.86 6.81
C LYS A 182 37.41 5.54 8.16
N ASP A 183 37.14 6.84 8.20
CA ASP A 183 36.90 7.54 9.46
C ASP A 183 35.55 7.24 10.09
N TYR A 184 34.65 6.56 9.39
CA TYR A 184 33.27 6.40 9.84
C TYR A 184 32.92 4.92 9.95
N ALA A 185 32.21 4.56 11.01
CA ALA A 185 31.64 3.23 11.11
C ALA A 185 30.61 3.02 10.02
N VAL A 186 30.58 1.82 9.46
CA VAL A 186 29.60 1.43 8.44
C VAL A 186 29.00 0.10 8.85
N SER A 187 27.67 0.05 8.94
CA SER A 187 26.97 -1.20 9.22
C SER A 187 25.83 -1.36 8.23
N THR A 188 25.35 -2.59 8.08
CA THR A 188 24.37 -2.94 7.07
C THR A 188 23.02 -3.26 7.69
N VAL A 189 21.97 -3.15 6.88
CA VAL A 189 20.62 -3.45 7.34
C VAL A 189 19.84 -4.03 6.17
N PRO A 190 19.17 -5.17 6.35
CA PRO A 190 18.38 -5.75 5.24
C PRO A 190 17.25 -4.83 4.83
N VAL A 191 17.07 -4.69 3.52
CA VAL A 191 16.00 -3.90 2.92
C VAL A 191 15.14 -4.83 2.08
N ALA A 192 13.83 -4.63 2.15
CA ALA A 192 12.88 -5.54 1.53
C ALA A 192 12.64 -5.20 0.06
N ASP A 193 11.97 -6.14 -0.62
CA ASP A 193 11.21 -5.90 -1.85
C ASP A 193 11.94 -5.06 -2.89
N GLY A 194 11.22 -4.16 -3.55
CA GLY A 194 11.83 -3.23 -4.47
C GLY A 194 12.03 -1.88 -3.81
N LEU A 195 12.66 -1.88 -2.64
CA LEU A 195 12.90 -0.68 -1.86
C LEU A 195 14.38 -0.38 -1.78
N HIS A 196 14.68 0.86 -1.42
CA HIS A 196 15.99 1.30 -0.96
C HIS A 196 15.88 1.65 0.51
N LEU A 197 17.01 1.71 1.21
CA LEU A 197 16.98 2.07 2.62
C LEU A 197 16.24 3.38 2.82
N LYS A 198 16.55 4.39 2.00
CA LYS A 198 15.92 5.70 2.15
C LYS A 198 14.53 5.78 1.50
N SER A 199 13.92 4.64 1.18
CA SER A 199 12.51 4.58 0.84
C SER A 199 11.63 4.80 2.06
N PHE A 200 12.20 4.71 3.27
CA PHE A 200 11.44 4.84 4.50
C PHE A 200 12.19 5.56 5.61
N CYS A 201 13.31 6.24 5.31
CA CYS A 201 13.99 7.01 6.33
C CYS A 201 14.91 8.03 5.65
N SER A 202 15.37 9.00 6.45
CA SER A 202 16.35 10.00 6.05
C SER A 202 16.62 10.85 7.30
N MET A 203 17.65 11.68 7.22
CA MET A 203 17.96 12.57 8.34
C MET A 203 17.08 13.81 8.28
N ALA A 204 16.45 14.15 9.40
CA ALA A 204 15.63 15.35 9.51
C ALA A 204 16.29 16.44 10.33
N GLY A 205 17.50 16.21 10.81
CA GLY A 205 18.21 17.19 11.62
C GLY A 205 19.41 16.51 12.24
N PRO A 206 20.21 17.26 12.97
CA PRO A 206 21.33 16.63 13.68
C PRO A 206 20.80 15.58 14.64
N ASN A 207 21.36 14.38 14.57
CA ASN A 207 21.01 13.30 15.47
C ASN A 207 19.54 12.89 15.36
N LEU A 208 18.86 13.26 14.27
CA LEU A 208 17.41 13.05 14.16
C LEU A 208 17.10 12.28 12.89
N ILE A 209 16.58 11.07 13.04
CA ILE A 209 16.24 10.22 11.91
C ILE A 209 14.74 10.25 11.70
N ALA A 210 14.31 10.70 10.53
CA ALA A 210 12.91 10.55 10.14
C ALA A 210 12.68 9.10 9.74
N ILE A 211 11.62 8.49 10.28
CA ILE A 211 11.41 7.06 10.08
C ILE A 211 9.93 6.79 9.90
N GLY A 212 9.61 5.85 9.01
CA GLY A 212 8.24 5.46 8.78
C GLY A 212 7.69 4.59 9.89
N SER A 213 6.37 4.43 9.87
CA SER A 213 5.64 3.71 10.91
C SER A 213 5.47 2.23 10.64
N SER A 214 5.77 1.76 9.42
CA SER A 214 5.53 0.36 9.09
C SER A 214 6.37 -0.55 9.98
N GLU A 215 5.91 -1.79 10.16
CA GLU A 215 6.71 -2.78 10.87
C GLU A 215 8.05 -3.00 10.18
N SER A 216 8.06 -2.97 8.85
CA SER A 216 9.33 -3.09 8.12
C SER A 216 10.26 -1.93 8.44
N ALA A 217 9.76 -0.69 8.34
CA ALA A 217 10.60 0.47 8.64
C ALA A 217 11.08 0.42 10.08
N GLN A 218 10.20 0.03 11.01
CA GLN A 218 10.57 -0.04 12.42
C GLN A 218 11.59 -1.14 12.67
N LYS A 219 11.44 -2.27 11.98
CA LYS A 219 12.38 -3.38 12.15
C LYS A 219 13.78 -2.95 11.74
N ALA A 220 13.90 -2.25 10.62
CA ALA A 220 15.19 -1.77 10.13
C ALA A 220 15.78 -0.72 11.06
N LEU A 221 14.95 0.21 11.58
CA LEU A 221 15.47 1.18 12.53
C LEU A 221 16.02 0.52 13.79
N LYS A 222 15.30 -0.48 14.30
CA LYS A 222 15.76 -1.20 15.48
C LYS A 222 17.14 -1.81 15.24
N ILE A 223 17.32 -2.43 14.07
CA ILE A 223 18.61 -3.03 13.73
C ILE A 223 19.70 -1.97 13.64
N MET A 224 19.39 -0.83 13.02
CA MET A 224 20.35 0.27 12.93
C MET A 224 20.76 0.75 14.32
N GLN A 225 19.76 1.00 15.19
CA GLN A 225 20.04 1.52 16.52
C GLN A 225 20.86 0.55 17.36
N GLN A 226 20.56 -0.74 17.24
CA GLN A 226 21.34 -1.73 17.99
C GLN A 226 22.81 -1.70 17.59
N MET A 227 23.08 -1.59 16.29
CA MET A 227 24.44 -1.64 15.77
C MET A 227 25.23 -0.36 16.04
N SER A 228 24.56 0.73 16.39
CA SER A 228 25.23 2.00 16.55
C SER A 228 25.74 2.17 17.97
N ASP A 229 26.83 2.94 18.09
CA ASP A 229 27.29 3.38 19.41
C ASP A 229 26.39 4.45 19.99
N HIS A 230 25.60 5.11 19.16
CA HIS A 230 24.89 6.33 19.52
C HIS A 230 23.40 6.07 19.66
N ARG A 231 22.76 6.92 20.45
CA ARG A 231 21.31 6.97 20.53
C ARG A 231 20.84 8.14 19.67
N TYR A 232 20.07 7.81 18.63
CA TYR A 232 19.50 8.84 17.76
C TYR A 232 18.10 9.19 18.24
N ASP A 233 17.75 10.46 18.12
CA ASP A 233 16.36 10.85 18.23
C ASP A 233 15.62 10.45 16.97
N LYS A 234 14.32 10.22 17.08
CA LYS A 234 13.52 9.83 15.92
C LYS A 234 12.37 10.80 15.72
N LEU A 235 12.00 11.00 14.45
CA LEU A 235 10.78 11.69 14.05
C LEU A 235 9.97 10.65 13.27
N THR A 236 8.93 10.11 13.88
CA THR A 236 8.16 9.04 13.26
C THR A 236 7.02 9.62 12.42
N VAL A 237 6.94 9.21 11.15
CA VAL A 237 5.86 9.68 10.28
C VAL A 237 4.97 8.52 9.86
N PRO A 238 3.67 8.75 9.66
CA PRO A 238 2.75 7.63 9.39
C PRO A 238 2.85 7.07 7.99
N ASP A 239 3.48 7.77 7.05
CA ASP A 239 3.62 7.30 5.66
C ASP A 239 5.11 7.08 5.40
N ASP A 240 5.50 5.83 5.18
CA ASP A 240 6.92 5.50 5.03
C ASP A 240 7.59 6.40 3.99
N ILE A 241 6.97 6.54 2.82
CA ILE A 241 7.56 7.32 1.73
C ILE A 241 7.81 8.77 2.15
N ALA A 242 6.96 9.33 3.01
CA ALA A 242 7.13 10.69 3.48
C ALA A 242 8.24 10.83 4.53
N ALA A 243 8.84 9.71 4.96
CA ALA A 243 10.03 9.78 5.79
C ALA A 243 11.27 10.14 4.99
N ASN A 244 11.17 10.23 3.66
CA ASN A 244 12.28 10.72 2.84
C ASN A 244 12.14 12.23 2.70
N CYS A 245 13.04 12.96 3.35
CA CYS A 245 13.06 14.41 3.31
C CYS A 245 14.49 14.84 3.09
N ILE A 246 14.70 16.13 2.89
CA ILE A 246 16.05 16.66 2.77
C ILE A 246 16.28 17.66 3.88
N TYR A 247 17.25 17.39 4.74
CA TYR A 247 17.63 18.31 5.79
C TYR A 247 18.87 19.08 5.35
N LEU A 248 18.86 20.39 5.57
CA LEU A 248 20.02 21.22 5.28
CA LEU A 248 20.03 21.21 5.29
C LEU A 248 20.24 22.20 6.42
N ASN A 249 21.51 22.54 6.64
CA ASN A 249 21.90 23.61 7.55
C ASN A 249 22.48 24.72 6.67
N ILE A 250 21.76 25.83 6.57
CA ILE A 250 22.07 26.90 5.63
C ILE A 250 22.58 28.09 6.41
N PRO A 251 23.69 28.72 5.99
CA PRO A 251 24.19 29.91 6.71
C PRO A 251 23.15 31.03 6.72
N ASN A 252 22.95 31.62 7.89
CA ASN A 252 21.99 32.69 8.16
C ASN A 252 20.54 32.21 8.10
N LYS A 253 20.30 30.92 7.88
CA LYS A 253 18.95 30.37 7.97
C LYS A 253 18.80 29.34 9.07
N GLY A 254 19.79 28.46 9.27
CA GLY A 254 19.68 27.44 10.29
C GLY A 254 19.11 26.14 9.77
N HIS A 255 18.29 25.46 10.57
CA HIS A 255 17.71 24.19 10.14
C HIS A 255 16.73 24.43 8.98
N VAL A 256 16.88 23.67 7.91
CA VAL A 256 15.98 23.72 6.76
C VAL A 256 15.56 22.29 6.41
N LEU A 257 14.29 22.09 6.06
CA LEU A 257 13.80 20.75 5.72
C LEU A 257 12.83 20.82 4.55
N LEU A 258 13.15 20.11 3.48
CA LEU A 258 12.25 19.88 2.36
C LEU A 258 11.48 18.59 2.66
N HIS A 259 10.15 18.66 2.67
CA HIS A 259 9.31 17.50 2.96
C HIS A 259 8.12 17.45 2.00
N ARG A 260 7.49 16.27 1.92
CA ARG A 260 6.35 16.10 1.03
C ARG A 260 5.16 16.92 1.50
N THR A 261 4.31 17.31 0.55
CA THR A 261 3.31 18.34 0.86
C THR A 261 2.11 17.77 1.61
N PRO A 262 1.35 18.63 2.30
CA PRO A 262 0.07 18.19 2.86
C PRO A 262 -0.88 17.61 1.83
N GLU A 263 -0.80 18.06 0.57
CA GLU A 263 -1.67 17.49 -0.45
C GLU A 263 -1.29 16.05 -0.76
N GLU A 264 0.01 15.71 -0.66
CA GLU A 264 0.45 14.35 -0.94
C GLU A 264 0.25 13.45 0.28
N TYR A 265 0.71 13.89 1.44
CA TYR A 265 0.74 13.06 2.65
C TYR A 265 0.38 13.95 3.83
N PRO A 266 -0.91 14.26 4.00
CA PRO A 266 -1.30 15.22 5.04
C PRO A 266 -0.93 14.78 6.44
N GLU A 267 -1.01 13.48 6.74
CA GLU A 267 -0.75 13.04 8.10
C GLU A 267 0.74 13.08 8.43
N SER A 268 1.61 12.90 7.44
CA SER A 268 3.03 13.06 7.69
C SER A 268 3.41 14.53 7.72
N ALA A 269 2.83 15.35 6.84
CA ALA A 269 3.11 16.78 6.89
C ALA A 269 2.78 17.36 8.26
N LYS A 270 1.72 16.86 8.91
CA LYS A 270 1.36 17.32 10.24
C LYS A 270 2.49 17.08 11.24
N VAL A 271 3.19 15.95 11.10
CA VAL A 271 4.30 15.65 12.01
C VAL A 271 5.46 16.61 11.78
N TYR A 272 5.80 16.86 10.50
CA TYR A 272 6.90 17.78 10.23
C TYR A 272 6.60 19.18 10.75
N GLU A 273 5.31 19.56 10.81
CA GLU A 273 4.92 20.88 11.29
C GLU A 273 5.40 21.16 12.71
N LYS A 274 5.68 20.12 13.50
CA LYS A 274 6.09 20.29 14.88
C LYS A 274 7.59 20.50 15.04
N LEU A 275 8.31 20.71 13.95
CA LEU A 275 9.72 21.12 13.99
C LEU A 275 9.75 22.63 13.93
N LYS A 276 9.58 23.27 15.09
CA LYS A 276 9.34 24.72 15.11
C LYS A 276 10.60 25.55 14.89
N ASP A 277 11.79 24.96 15.03
CA ASP A 277 13.03 25.64 14.70
C ASP A 277 13.55 25.31 13.30
N HIS A 278 12.78 24.56 12.51
CA HIS A 278 13.14 24.25 11.13
C HIS A 278 12.38 25.16 10.18
N MET A 279 13.06 25.67 9.17
CA MET A 279 12.37 26.29 8.04
C MET A 279 11.85 25.16 7.16
N LEU A 280 10.53 24.96 7.17
CA LEU A 280 9.91 23.86 6.47
C LEU A 280 9.48 24.29 5.07
N ILE A 281 9.83 23.48 4.07
CA ILE A 281 9.54 23.75 2.67
C ILE A 281 8.83 22.55 2.06
N PRO A 282 7.52 22.65 1.79
CA PRO A 282 6.82 21.55 1.12
C PRO A 282 7.20 21.49 -0.36
N VAL A 283 7.58 20.29 -0.81
CA VAL A 283 8.02 20.05 -2.17
C VAL A 283 7.28 18.83 -2.72
N SER A 284 6.60 19.00 -3.86
CA SER A 284 5.87 17.92 -4.49
C SER A 284 6.81 17.03 -5.31
N MET A 285 6.53 15.73 -5.28
CA MET A 285 7.32 14.76 -6.04
C MET A 285 6.43 13.58 -6.45
N SER A 286 5.13 13.83 -6.63
CA SER A 286 4.17 12.75 -6.84
C SER A 286 4.43 11.99 -8.14
N GLU A 287 4.89 12.66 -9.20
CA GLU A 287 5.10 11.95 -10.45
C GLU A 287 6.34 11.05 -10.38
N LEU A 288 7.44 11.57 -9.84
CA LEU A 288 8.65 10.76 -9.80
C LEU A 288 8.51 9.64 -8.78
N GLU A 289 7.63 9.81 -7.79
CA GLU A 289 7.36 8.72 -6.86
C GLU A 289 6.83 7.48 -7.58
N LYS A 290 6.16 7.67 -8.73
CA LYS A 290 5.65 6.55 -9.50
C LYS A 290 6.75 5.65 -10.04
N VAL A 291 7.98 6.14 -10.16
CA VAL A 291 9.11 5.29 -10.55
C VAL A 291 10.07 5.23 -9.36
N ASP A 292 9.50 5.35 -8.15
CA ASP A 292 10.15 5.10 -6.87
C ASP A 292 11.19 6.14 -6.49
N GLY A 293 11.24 7.28 -7.17
CA GLY A 293 12.21 8.31 -6.83
C GLY A 293 11.64 9.32 -5.85
N LEU A 294 12.40 9.61 -4.79
CA LEU A 294 11.95 10.50 -3.72
C LEU A 294 12.86 11.72 -3.64
N LEU A 295 12.68 12.49 -2.57
CA LEU A 295 13.32 13.81 -2.47
C LEU A 295 14.83 13.70 -2.48
N THR A 296 15.41 12.84 -1.64
CA THR A 296 16.88 12.75 -1.52
C THR A 296 17.48 12.27 -2.83
N CYS A 297 16.73 11.47 -3.55
CA CYS A 297 17.24 10.77 -4.76
C CYS A 297 17.59 11.74 -5.86
N CYS A 298 17.08 12.97 -5.77
CA CYS A 298 17.18 13.89 -6.89
C CYS A 298 18.35 14.89 -6.79
N SER A 299 19.17 14.77 -5.75
CA SER A 299 20.34 15.63 -5.69
C SER A 299 21.48 14.92 -4.97
N VAL A 300 22.70 15.39 -5.25
CA VAL A 300 23.90 15.07 -4.49
C VAL A 300 24.38 16.38 -3.87
N LEU A 301 24.46 16.41 -2.54
CA LEU A 301 24.79 17.63 -1.82
C LEU A 301 26.23 17.58 -1.33
N ILE A 302 26.90 18.74 -1.42
CA ILE A 302 28.34 18.86 -1.20
C ILE A 302 28.60 20.10 -0.36
N ASN A 303 29.51 19.98 0.60
CA ASN A 303 29.96 21.13 1.38
C ASN A 303 31.38 21.44 0.95
N LYS A 304 31.56 22.55 0.24
CA LYS A 304 32.87 23.02 -0.13
C LYS A 304 33.18 24.21 0.78
N LYS A 305 33.86 23.93 1.88
CA LYS A 305 34.25 24.99 2.80
C LYS A 305 35.66 25.44 2.40
N ALA B 31 -19.94 -17.58 -19.27
CA ALA B 31 -20.36 -16.33 -18.63
C ALA B 31 -21.28 -16.61 -17.45
N ALA B 32 -21.29 -17.86 -16.98
CA ALA B 32 -22.21 -18.28 -15.93
C ALA B 32 -21.95 -17.50 -14.65
N PHE B 33 -22.95 -17.50 -13.77
CA PHE B 33 -22.85 -16.79 -12.51
C PHE B 33 -21.77 -17.39 -11.63
N GLY B 34 -21.21 -16.57 -10.75
CA GLY B 34 -20.18 -17.01 -9.83
C GLY B 34 -18.83 -17.28 -10.46
N ARG B 35 -18.69 -17.07 -11.77
CA ARG B 35 -17.38 -17.24 -12.41
C ARG B 35 -16.39 -16.22 -11.86
N ALA B 36 -15.17 -16.66 -11.61
CA ALA B 36 -14.16 -15.78 -11.05
C ALA B 36 -12.78 -16.33 -11.37
N THR B 37 -11.83 -15.42 -11.61
CA THR B 37 -10.45 -15.79 -11.90
C THR B 37 -9.43 -15.17 -10.95
N HIS B 38 -9.75 -14.07 -10.27
CA HIS B 38 -8.86 -13.45 -9.29
C HIS B 38 -9.60 -13.23 -7.99
N ALA B 39 -8.83 -12.91 -6.95
CA ALA B 39 -9.39 -12.56 -5.66
C ALA B 39 -8.40 -11.64 -4.96
N VAL B 40 -8.92 -10.58 -4.33
CA VAL B 40 -8.10 -9.69 -3.51
C VAL B 40 -8.44 -9.93 -2.06
N VAL B 41 -7.40 -10.20 -1.25
CA VAL B 41 -7.54 -10.39 0.19
C VAL B 41 -6.54 -9.47 0.86
N ARG B 42 -6.67 -9.35 2.18
CA ARG B 42 -5.75 -8.54 2.96
C ARG B 42 -5.55 -9.17 4.32
N ALA B 43 -4.31 -9.15 4.79
CA ALA B 43 -3.94 -9.82 6.03
C ALA B 43 -4.39 -9.00 7.24
N LEU B 44 -4.72 -9.70 8.32
CA LEU B 44 -5.19 -8.91 9.45
C LEU B 44 -4.03 -8.42 10.29
N PRO B 45 -4.16 -7.24 10.90
CA PRO B 45 -3.10 -6.70 11.76
C PRO B 45 -3.29 -7.12 13.21
N GLU B 46 -2.22 -6.95 13.98
CA GLU B 46 -2.28 -7.33 15.40
C GLU B 46 -3.31 -6.51 16.15
N SER B 47 -3.52 -5.26 15.73
CA SER B 47 -4.48 -4.37 16.36
C SER B 47 -5.92 -4.85 16.21
N LEU B 48 -6.18 -5.83 15.34
CA LEU B 48 -7.55 -6.28 15.13
C LEU B 48 -8.17 -6.78 16.44
N GLY B 49 -7.39 -7.52 17.23
CA GLY B 49 -7.96 -8.22 18.39
C GLY B 49 -8.66 -7.29 19.37
N GLN B 50 -8.06 -6.15 19.65
CA GLN B 50 -8.61 -5.20 20.62
C GLN B 50 -9.33 -4.03 19.97
N HIS B 51 -8.98 -3.66 18.74
CA HIS B 51 -9.44 -2.41 18.17
C HIS B 51 -10.43 -2.56 17.01
N ALA B 52 -10.59 -3.75 16.44
CA ALA B 52 -11.58 -3.89 15.37
C ALA B 52 -12.97 -3.65 15.93
N LEU B 53 -13.81 -2.98 15.13
CA LEU B 53 -15.17 -2.70 15.56
C LEU B 53 -15.96 -4.00 15.67
N ARG B 54 -16.85 -4.05 16.65
CA ARG B 54 -17.68 -5.23 16.88
C ARG B 54 -19.01 -4.80 17.46
N SER B 55 -20.04 -5.60 17.18
CA SER B 55 -21.41 -5.25 17.54
C SER B 55 -21.79 -5.69 18.95
N ALA B 56 -20.96 -6.48 19.61
CA ALA B 56 -21.32 -7.01 20.92
C ALA B 56 -20.05 -7.31 21.70
N LYS B 57 -20.13 -7.09 23.01
CA LYS B 57 -19.06 -7.50 23.92
C LYS B 57 -19.01 -9.02 23.96
N GLY B 58 -18.00 -9.61 23.32
CA GLY B 58 -17.89 -11.04 23.29
C GLY B 58 -16.58 -11.58 23.84
N GLU B 59 -16.28 -12.83 23.52
CA GLU B 59 -15.05 -13.44 24.00
C GLU B 59 -13.84 -12.76 23.36
N GLU B 60 -12.71 -12.90 24.04
CA GLU B 60 -11.46 -12.32 23.57
C GLU B 60 -11.06 -12.96 22.23
N VAL B 61 -10.55 -12.14 21.33
CA VAL B 61 -10.11 -12.62 20.03
C VAL B 61 -8.70 -13.20 20.15
N ASP B 62 -8.52 -14.43 19.65
CA ASP B 62 -7.20 -15.05 19.55
C ASP B 62 -6.62 -14.64 18.20
N VAL B 63 -5.74 -13.63 18.20
CA VAL B 63 -5.24 -13.09 16.94
C VAL B 63 -4.41 -14.14 16.20
N ALA B 64 -3.60 -14.90 16.95
CA ALA B 64 -2.81 -15.96 16.33
C ALA B 64 -3.71 -16.93 15.58
N ARG B 65 -4.80 -17.36 16.20
CA ARG B 65 -5.69 -18.32 15.56
C ARG B 65 -6.43 -17.69 14.39
N ALA B 66 -6.80 -16.41 14.51
CA ALA B 66 -7.41 -15.72 13.39
C ALA B 66 -6.47 -15.68 12.19
N GLU B 67 -5.19 -15.46 12.45
CA GLU B 67 -4.20 -15.44 11.38
C GLU B 67 -4.07 -16.82 10.74
N ARG B 68 -4.08 -17.88 11.55
CA ARG B 68 -4.05 -19.24 11.00
C ARG B 68 -5.28 -19.48 10.12
N GLN B 69 -6.46 -19.10 10.62
CA GLN B 69 -7.68 -19.34 9.86
C GLN B 69 -7.74 -18.49 8.61
N HIS B 70 -7.27 -17.25 8.68
CA HIS B 70 -7.23 -16.43 7.47
C HIS B 70 -6.27 -17.02 6.44
N GLN B 71 -5.14 -17.56 6.90
CA GLN B 71 -4.20 -18.20 5.99
C GLN B 71 -4.78 -19.46 5.35
N LEU B 72 -5.63 -20.20 6.08
CA LEU B 72 -6.30 -21.34 5.47
C LEU B 72 -7.30 -20.88 4.42
N TYR B 73 -8.03 -19.81 4.71
CA TYR B 73 -8.99 -19.23 3.78
C TYR B 73 -8.33 -18.88 2.46
N VAL B 74 -7.21 -18.17 2.52
CA VAL B 74 -6.49 -17.80 1.31
C VAL B 74 -5.99 -19.05 0.59
N GLY B 75 -5.57 -20.07 1.35
CA GLY B 75 -5.13 -21.30 0.73
C GLY B 75 -6.20 -21.97 -0.12
N VAL B 76 -7.45 -21.87 0.33
CA VAL B 76 -8.56 -22.44 -0.45
C VAL B 76 -8.68 -21.74 -1.79
N LEU B 77 -8.77 -20.42 -1.76
CA LEU B 77 -9.00 -19.66 -2.99
C LEU B 77 -7.84 -19.83 -3.97
N GLY B 78 -6.61 -19.83 -3.48
CA GLY B 78 -5.44 -19.93 -4.33
C GLY B 78 -5.00 -21.34 -4.68
N SER B 79 -4.36 -22.02 -3.73
CA SER B 79 -3.72 -23.29 -4.02
C SER B 79 -4.70 -24.45 -4.20
N LYS B 80 -5.98 -24.26 -3.90
CA LYS B 80 -6.98 -25.30 -4.05
C LYS B 80 -7.93 -25.06 -5.22
N LEU B 81 -8.40 -23.83 -5.40
CA LEU B 81 -9.41 -23.53 -6.41
C LEU B 81 -8.82 -22.89 -7.67
N GLY B 82 -7.54 -22.52 -7.65
CA GLY B 82 -6.91 -22.01 -8.85
C GLY B 82 -7.10 -20.54 -9.11
N LEU B 83 -7.51 -19.76 -8.11
CA LEU B 83 -7.63 -18.33 -8.29
C LEU B 83 -6.29 -17.66 -8.05
N GLN B 84 -6.09 -16.52 -8.73
CA GLN B 84 -4.91 -15.69 -8.52
C GLN B 84 -5.23 -14.69 -7.42
N VAL B 85 -4.56 -14.81 -6.28
CA VAL B 85 -4.88 -14.03 -5.09
C VAL B 85 -3.87 -12.91 -4.97
N VAL B 86 -4.36 -11.67 -4.97
CA VAL B 86 -3.55 -10.52 -4.59
C VAL B 86 -3.64 -10.38 -3.08
N GLU B 87 -2.49 -10.38 -2.41
CA GLU B 87 -2.40 -10.40 -0.95
C GLU B 87 -1.87 -9.05 -0.47
N LEU B 88 -2.78 -8.18 -0.02
CA LEU B 88 -2.36 -6.88 0.49
C LEU B 88 -1.83 -7.02 1.92
N PRO B 89 -0.84 -6.21 2.29
CA PRO B 89 -0.29 -6.29 3.64
C PRO B 89 -1.19 -5.63 4.67
N ALA B 90 -1.05 -6.10 5.91
CA ALA B 90 -1.80 -5.53 7.01
C ALA B 90 -1.29 -4.14 7.33
N ASP B 91 -2.20 -3.31 7.83
CA ASP B 91 -1.90 -1.98 8.34
C ASP B 91 -2.34 -1.95 9.79
N GLU B 92 -1.40 -1.73 10.72
CA GLU B 92 -1.77 -1.71 12.12
C GLU B 92 -2.69 -0.54 12.47
N SER B 93 -2.72 0.49 11.65
CA SER B 93 -3.58 1.64 11.89
C SER B 93 -4.97 1.47 11.31
N LEU B 94 -5.27 0.31 10.73
CA LEU B 94 -6.58 0.02 10.14
C LEU B 94 -7.01 -1.34 10.67
N PRO B 95 -7.57 -1.38 11.89
CA PRO B 95 -7.80 -2.67 12.56
C PRO B 95 -8.75 -3.61 11.82
N ASP B 96 -9.57 -3.10 10.91
CA ASP B 96 -10.51 -3.93 10.16
CA ASP B 96 -10.52 -3.92 10.16
C ASP B 96 -10.05 -4.20 8.74
N CYS B 97 -8.80 -3.92 8.40
CA CYS B 97 -8.42 -3.95 6.99
C CYS B 97 -8.52 -5.35 6.38
N VAL B 98 -8.65 -6.41 7.17
CA VAL B 98 -8.84 -7.75 6.63
C VAL B 98 -10.15 -7.88 5.87
N PHE B 99 -11.14 -7.03 6.15
CA PHE B 99 -12.49 -7.18 5.59
C PHE B 99 -12.62 -6.35 4.32
N VAL B 100 -11.89 -6.80 3.30
CA VAL B 100 -11.75 -6.08 2.05
C VAL B 100 -13.07 -5.95 1.30
N GLU B 101 -14.06 -6.79 1.64
CA GLU B 101 -15.32 -6.71 0.90
C GLU B 101 -16.03 -5.38 1.17
N ASP B 102 -15.83 -4.79 2.34
CA ASP B 102 -16.52 -3.56 2.65
C ASP B 102 -16.02 -2.38 1.82
N VAL B 103 -14.84 -2.49 1.20
CA VAL B 103 -14.24 -1.35 0.52
C VAL B 103 -14.37 -1.41 -1.00
N ALA B 104 -14.86 -2.51 -1.59
CA ALA B 104 -15.02 -2.56 -3.03
C ALA B 104 -16.12 -3.53 -3.42
N VAL B 105 -16.87 -3.17 -4.47
CA VAL B 105 -17.87 -4.02 -5.10
C VAL B 105 -17.49 -4.14 -6.57
N VAL B 106 -17.31 -5.38 -7.05
CA VAL B 106 -16.91 -5.63 -8.42
C VAL B 106 -18.04 -6.36 -9.13
N CYS B 107 -18.44 -5.85 -10.29
CA CYS B 107 -19.44 -6.49 -11.13
C CYS B 107 -18.93 -6.46 -12.56
N GLU B 108 -18.72 -7.64 -13.14
CA GLU B 108 -18.14 -7.78 -14.47
C GLU B 108 -16.82 -7.03 -14.58
N GLU B 109 -16.83 -5.89 -15.28
CA GLU B 109 -15.62 -5.13 -15.59
C GLU B 109 -15.42 -3.91 -14.69
N THR B 110 -16.41 -3.51 -13.91
CA THR B 110 -16.37 -2.28 -13.14
C THR B 110 -16.22 -2.58 -11.66
N ALA B 111 -15.32 -1.85 -11.01
CA ALA B 111 -15.13 -1.92 -9.57
C ALA B 111 -15.58 -0.61 -8.95
N LEU B 112 -16.55 -0.68 -8.04
CA LEU B 112 -17.00 0.47 -7.28
C LEU B 112 -16.19 0.55 -5.99
N ILE B 113 -15.24 1.48 -5.93
CA ILE B 113 -14.57 1.75 -4.66
C ILE B 113 -15.56 2.45 -3.73
N THR B 114 -15.88 1.81 -2.61
CA THR B 114 -16.93 2.29 -1.73
C THR B 114 -16.43 3.40 -0.81
N ARG B 115 -17.37 3.99 -0.06
CA ARG B 115 -17.07 4.98 0.99
C ARG B 115 -17.60 4.40 2.30
N PRO B 116 -16.76 3.70 3.06
CA PRO B 116 -17.26 2.92 4.20
C PRO B 116 -17.98 3.80 5.22
N GLY B 117 -18.98 3.21 5.86
CA GLY B 117 -19.78 3.97 6.81
C GLY B 117 -18.97 4.46 8.00
N ALA B 118 -18.11 3.61 8.54
CA ALA B 118 -17.22 3.99 9.63
C ALA B 118 -16.09 4.85 9.08
N PRO B 119 -16.01 6.13 9.45
CA PRO B 119 -15.00 7.01 8.86
C PRO B 119 -13.57 6.51 9.06
N SER B 120 -13.27 5.84 10.16
CA SER B 120 -11.90 5.37 10.39
C SER B 120 -11.47 4.30 9.38
N ARG B 121 -12.40 3.72 8.62
CA ARG B 121 -12.06 2.68 7.66
C ARG B 121 -11.82 3.20 6.25
N ARG B 122 -12.11 4.47 5.98
CA ARG B 122 -11.98 4.98 4.63
C ARG B 122 -10.56 4.93 4.12
N LYS B 123 -9.57 4.91 5.03
CA LYS B 123 -8.18 4.83 4.62
C LYS B 123 -7.84 3.50 3.94
N GLU B 124 -8.65 2.46 4.16
CA GLU B 124 -8.37 1.16 3.54
C GLU B 124 -8.57 1.17 2.03
N VAL B 125 -9.29 2.17 1.49
CA VAL B 125 -9.76 2.05 0.11
C VAL B 125 -8.63 2.16 -0.90
N ASP B 126 -7.59 2.95 -0.61
CA ASP B 126 -6.67 3.31 -1.68
C ASP B 126 -5.71 2.19 -2.02
N MET B 127 -5.32 1.37 -1.04
CA MET B 127 -4.55 0.18 -1.41
C MET B 127 -5.41 -0.81 -2.20
N MET B 128 -6.71 -0.89 -1.89
CA MET B 128 -7.61 -1.68 -2.72
C MET B 128 -7.79 -1.06 -4.10
N LYS B 129 -7.98 0.26 -4.15
CA LYS B 129 -8.01 0.96 -5.43
C LYS B 129 -6.75 0.70 -6.23
N GLU B 130 -5.59 0.74 -5.57
CA GLU B 130 -4.33 0.47 -6.25
C GLU B 130 -4.32 -0.93 -6.85
N ALA B 131 -4.77 -1.92 -6.07
CA ALA B 131 -4.73 -3.31 -6.54
C ALA B 131 -5.64 -3.51 -7.74
N LEU B 132 -6.83 -2.91 -7.73
CA LEU B 132 -7.79 -3.11 -8.81
C LEU B 132 -7.43 -2.33 -10.07
N GLU B 133 -6.64 -1.28 -9.95
CA GLU B 133 -6.12 -0.61 -11.14
C GLU B 133 -5.06 -1.46 -11.82
N LYS B 134 -4.17 -2.08 -11.04
CA LYS B 134 -3.19 -3.00 -11.60
C LYS B 134 -3.85 -4.14 -12.37
N LEU B 135 -5.09 -4.48 -12.03
CA LEU B 135 -5.83 -5.53 -12.71
C LEU B 135 -6.65 -5.01 -13.89
N GLN B 136 -6.44 -3.77 -14.30
CA GLN B 136 -7.14 -3.15 -15.43
C GLN B 136 -8.65 -3.32 -15.31
N LEU B 137 -9.19 -2.78 -14.22
CA LEU B 137 -10.63 -2.75 -13.99
C LEU B 137 -11.15 -1.33 -14.13
N ASN B 138 -12.36 -1.21 -14.68
CA ASN B 138 -13.06 0.07 -14.68
C ASN B 138 -13.33 0.50 -13.24
N ILE B 139 -12.66 1.57 -12.79
CA ILE B 139 -12.72 1.98 -11.39
C ILE B 139 -13.67 3.17 -11.26
N VAL B 140 -14.64 3.05 -10.36
CA VAL B 140 -15.60 4.11 -10.07
C VAL B 140 -15.58 4.36 -8.57
N GLU B 141 -15.28 5.59 -8.18
CA GLU B 141 -15.05 5.93 -6.77
C GLU B 141 -16.25 6.68 -6.19
N MET B 142 -16.72 6.20 -5.04
CA MET B 142 -17.83 6.82 -4.32
C MET B 142 -17.25 7.89 -3.40
N LYS B 143 -17.24 9.13 -3.88
CA LYS B 143 -16.61 10.21 -3.14
C LYS B 143 -17.59 11.23 -2.60
N ASP B 144 -18.87 11.11 -2.92
CA ASP B 144 -19.90 11.98 -2.35
C ASP B 144 -19.81 11.96 -0.83
N GLU B 145 -19.59 13.14 -0.25
CA GLU B 145 -19.41 13.26 1.20
C GLU B 145 -20.68 12.96 1.99
N ASN B 146 -21.81 12.75 1.32
CA ASN B 146 -23.05 12.36 1.98
C ASN B 146 -23.39 10.90 1.75
N ALA B 147 -22.54 10.16 1.05
CA ALA B 147 -22.81 8.78 0.68
C ALA B 147 -21.91 7.86 1.50
N THR B 148 -22.51 6.84 2.11
CA THR B 148 -21.75 5.77 2.72
C THR B 148 -22.32 4.44 2.25
N LEU B 149 -21.43 3.46 2.11
CA LEU B 149 -21.85 2.11 1.75
C LEU B 149 -20.73 1.15 2.12
N ASP B 150 -21.07 0.11 2.86
CA ASP B 150 -20.19 -1.04 3.06
C ASP B 150 -20.50 -2.09 2.01
N GLY B 151 -19.47 -2.63 1.36
CA GLY B 151 -19.66 -3.72 0.42
C GLY B 151 -20.29 -4.94 1.05
N GLY B 152 -20.15 -5.09 2.38
CA GLY B 152 -20.80 -6.18 3.08
C GLY B 152 -22.31 -6.10 3.07
N ASP B 153 -22.86 -4.93 2.73
CA ASP B 153 -24.30 -4.72 2.63
C ASP B 153 -24.86 -5.00 1.25
N VAL B 154 -24.05 -5.51 0.33
CA VAL B 154 -24.43 -5.64 -1.07
C VAL B 154 -24.49 -7.11 -1.42
N LEU B 155 -25.67 -7.57 -1.84
CA LEU B 155 -25.86 -8.92 -2.36
C LEU B 155 -26.13 -8.79 -3.85
N PHE B 156 -25.21 -9.30 -4.66
CA PHE B 156 -25.36 -9.33 -6.10
C PHE B 156 -25.77 -10.75 -6.48
N THR B 157 -27.00 -10.89 -6.99
CA THR B 157 -27.59 -12.19 -7.26
C THR B 157 -27.27 -12.73 -8.64
N GLY B 158 -26.42 -12.03 -9.41
CA GLY B 158 -26.23 -12.34 -10.80
C GLY B 158 -27.25 -11.74 -11.74
N ARG B 159 -28.45 -11.43 -11.24
CA ARG B 159 -29.45 -10.73 -12.02
C ARG B 159 -29.74 -9.32 -11.53
N GLU B 160 -29.35 -8.98 -10.31
CA GLU B 160 -29.67 -7.69 -9.73
C GLU B 160 -28.83 -7.50 -8.47
N PHE B 161 -28.96 -6.33 -7.86
CA PHE B 161 -28.35 -6.03 -6.57
C PHE B 161 -29.43 -5.81 -5.53
N PHE B 162 -29.21 -6.37 -4.34
CA PHE B 162 -29.92 -5.95 -3.13
C PHE B 162 -28.91 -5.26 -2.24
N VAL B 163 -29.27 -4.09 -1.72
CA VAL B 163 -28.35 -3.28 -0.92
C VAL B 163 -29.02 -3.00 0.42
N GLY B 164 -28.32 -3.36 1.50
CA GLY B 164 -28.87 -3.16 2.83
C GLY B 164 -28.74 -1.71 3.28
N LEU B 165 -29.82 -1.16 3.80
CA LEU B 165 -29.80 0.14 4.45
C LEU B 165 -29.52 -0.12 5.93
N SER B 166 -28.27 0.09 6.33
CA SER B 166 -27.79 -0.35 7.64
C SER B 166 -27.18 0.82 8.41
N LYS B 167 -26.50 0.52 9.51
CA LYS B 167 -25.77 1.56 10.24
C LYS B 167 -24.59 2.11 9.44
N ARG B 168 -24.15 1.40 8.40
CA ARG B 168 -22.99 1.82 7.62
C ARG B 168 -23.34 2.23 6.19
N THR B 169 -24.49 1.84 5.67
CA THR B 169 -24.87 2.10 4.28
C THR B 169 -26.15 2.92 4.27
N ASN B 170 -26.12 4.05 3.54
CA ASN B 170 -27.27 4.95 3.50
C ASN B 170 -27.86 4.99 2.08
N GLN B 171 -28.95 5.76 1.94
CA GLN B 171 -29.69 5.81 0.70
C GLN B 171 -28.81 6.32 -0.45
N ARG B 172 -28.05 7.39 -0.22
CA ARG B 172 -27.22 7.94 -1.29
C ARG B 172 -26.18 6.94 -1.76
N GLY B 173 -25.71 6.08 -0.86
CA GLY B 173 -24.77 5.04 -1.27
C GLY B 173 -25.37 4.08 -2.26
N ALA B 174 -26.54 3.52 -1.93
CA ALA B 174 -27.24 2.67 -2.87
C ALA B 174 -27.42 3.35 -4.22
N GLU B 175 -27.80 4.63 -4.20
CA GLU B 175 -28.06 5.33 -5.46
C GLU B 175 -26.80 5.39 -6.31
N ILE B 176 -25.64 5.59 -5.70
CA ILE B 176 -24.40 5.64 -6.46
C ILE B 176 -24.07 4.26 -7.00
N LEU B 177 -24.32 3.21 -6.22
CA LEU B 177 -24.15 1.84 -6.71
C LEU B 177 -25.06 1.59 -7.92
N ALA B 178 -26.32 2.00 -7.81
CA ALA B 178 -27.24 1.85 -8.94
C ALA B 178 -26.76 2.63 -10.15
N ASP B 179 -26.24 3.84 -9.94
CA ASP B 179 -25.70 4.62 -11.05
C ASP B 179 -24.46 3.98 -11.65
N THR B 180 -23.69 3.23 -10.83
CA THR B 180 -22.45 2.66 -11.31
C THR B 180 -22.68 1.38 -12.11
N PHE B 181 -23.75 0.66 -11.85
CA PHE B 181 -24.07 -0.58 -12.55
C PHE B 181 -25.44 -0.43 -13.20
N LYS B 182 -25.50 0.38 -14.26
CA LYS B 182 -26.76 0.81 -14.85
C LYS B 182 -27.55 -0.32 -15.50
N ASP B 183 -26.88 -1.41 -15.90
CA ASP B 183 -27.56 -2.52 -16.56
C ASP B 183 -28.17 -3.51 -15.56
N TYR B 184 -28.22 -3.17 -14.27
CA TYR B 184 -28.73 -4.05 -13.23
C TYR B 184 -29.74 -3.32 -12.37
N ALA B 185 -30.78 -4.03 -11.97
CA ALA B 185 -31.72 -3.48 -11.00
C ALA B 185 -31.07 -3.40 -9.64
N VAL B 186 -31.47 -2.40 -8.85
CA VAL B 186 -31.00 -2.23 -7.49
C VAL B 186 -32.18 -1.95 -6.59
N SER B 187 -32.30 -2.72 -5.51
CA SER B 187 -33.36 -2.59 -4.53
C SER B 187 -32.76 -2.56 -3.13
N THR B 188 -33.39 -1.81 -2.24
CA THR B 188 -32.90 -1.68 -0.88
C THR B 188 -33.73 -2.53 0.07
N VAL B 189 -33.10 -2.96 1.16
CA VAL B 189 -33.76 -3.77 2.17
C VAL B 189 -33.31 -3.29 3.55
N PRO B 190 -34.23 -3.07 4.48
CA PRO B 190 -33.81 -2.64 5.82
C PRO B 190 -33.00 -3.71 6.52
N VAL B 191 -31.98 -3.28 7.26
CA VAL B 191 -31.14 -4.18 8.04
C VAL B 191 -31.09 -3.65 9.47
N ALA B 192 -31.52 -4.47 10.43
CA ALA B 192 -31.67 -4.04 11.81
C ALA B 192 -30.37 -4.16 12.57
N ASP B 193 -30.37 -3.62 13.79
CA ASP B 193 -29.27 -3.68 14.75
C ASP B 193 -27.97 -3.26 14.06
N GLY B 194 -26.85 -3.83 14.49
CA GLY B 194 -25.57 -3.54 13.89
C GLY B 194 -25.11 -4.66 12.96
N LEU B 195 -26.02 -5.11 12.11
CA LEU B 195 -25.74 -6.16 11.14
C LEU B 195 -25.44 -5.56 9.77
N HIS B 196 -24.88 -6.39 8.91
CA HIS B 196 -24.83 -6.11 7.48
C HIS B 196 -25.83 -7.03 6.78
N LEU B 197 -26.12 -6.71 5.52
CA LEU B 197 -27.04 -7.54 4.76
C LEU B 197 -26.54 -8.97 4.68
N LYS B 198 -25.25 -9.15 4.37
CA LYS B 198 -24.71 -10.50 4.23
C LYS B 198 -24.26 -11.09 5.56
N SER B 199 -24.68 -10.50 6.68
CA SER B 199 -24.56 -11.16 7.97
C SER B 199 -25.50 -12.36 8.10
N PHE B 200 -26.52 -12.42 7.23
CA PHE B 200 -27.45 -13.54 7.29
C PHE B 200 -27.82 -14.09 5.92
N CYS B 201 -27.10 -13.75 4.86
CA CYS B 201 -27.41 -14.28 3.55
C CYS B 201 -26.23 -14.13 2.61
N SER B 202 -26.30 -14.85 1.49
CA SER B 202 -25.31 -14.87 0.42
C SER B 202 -25.85 -15.80 -0.66
N MET B 203 -25.19 -15.76 -1.81
CA MET B 203 -25.54 -16.63 -2.93
C MET B 203 -24.83 -17.98 -2.76
N ALA B 204 -25.60 -19.07 -2.71
CA ALA B 204 -25.05 -20.42 -2.66
C ALA B 204 -25.07 -21.10 -4.02
N GLY B 205 -25.57 -20.43 -5.06
CA GLY B 205 -25.59 -20.98 -6.39
C GLY B 205 -26.37 -20.08 -7.33
N PRO B 206 -26.54 -20.51 -8.57
CA PRO B 206 -27.40 -19.75 -9.48
C PRO B 206 -28.83 -19.75 -8.95
N ASN B 207 -29.43 -18.56 -8.89
CA ASN B 207 -30.82 -18.38 -8.48
C ASN B 207 -31.09 -18.94 -7.08
N LEU B 208 -30.06 -19.09 -6.23
CA LEU B 208 -30.18 -19.80 -4.96
C LEU B 208 -29.56 -18.96 -3.85
N ILE B 209 -30.42 -18.43 -2.96
CA ILE B 209 -29.98 -17.58 -1.86
C ILE B 209 -29.90 -18.40 -0.59
N ALA B 210 -28.72 -18.45 0.01
CA ALA B 210 -28.57 -18.99 1.36
C ALA B 210 -29.05 -17.95 2.36
N ILE B 211 -29.98 -18.33 3.23
CA ILE B 211 -30.63 -17.38 4.12
C ILE B 211 -30.74 -17.98 5.53
N GLY B 212 -30.59 -17.12 6.53
CA GLY B 212 -30.73 -17.54 7.91
C GLY B 212 -32.19 -17.78 8.27
N SER B 213 -32.39 -18.20 9.52
CA SER B 213 -33.72 -18.55 10.00
C SER B 213 -34.17 -17.69 11.17
N SER B 214 -33.48 -16.59 11.45
CA SER B 214 -33.78 -15.79 12.63
C SER B 214 -34.92 -14.83 12.34
N GLU B 215 -35.18 -13.93 13.29
CA GLU B 215 -36.22 -12.90 13.11
C GLU B 215 -35.83 -11.95 11.99
N SER B 216 -34.64 -11.35 12.09
CA SER B 216 -34.19 -10.37 11.09
C SER B 216 -33.98 -11.01 9.72
N ALA B 217 -33.63 -12.30 9.69
CA ALA B 217 -33.24 -12.92 8.43
C ALA B 217 -34.44 -13.14 7.50
N GLN B 218 -35.57 -13.63 8.04
CA GLN B 218 -36.66 -14.03 7.17
C GLN B 218 -37.42 -12.84 6.60
N LYS B 219 -37.66 -11.81 7.41
CA LYS B 219 -38.35 -10.63 6.90
C LYS B 219 -37.51 -9.90 5.86
N ALA B 220 -36.19 -9.90 6.04
CA ALA B 220 -35.32 -9.37 4.99
C ALA B 220 -35.49 -10.16 3.69
N LEU B 221 -35.59 -11.49 3.80
CA LEU B 221 -35.83 -12.31 2.62
C LEU B 221 -37.21 -12.05 2.03
N LYS B 222 -38.19 -11.69 2.86
CA LYS B 222 -39.53 -11.42 2.36
C LYS B 222 -39.52 -10.21 1.43
N ILE B 223 -38.89 -9.12 1.86
CA ILE B 223 -38.84 -7.90 1.05
C ILE B 223 -38.10 -8.16 -0.26
N MET B 224 -36.97 -8.86 -0.18
CA MET B 224 -36.15 -9.08 -1.36
C MET B 224 -36.86 -9.92 -2.40
N GLN B 225 -37.45 -11.04 -1.97
CA GLN B 225 -38.11 -11.96 -2.90
C GLN B 225 -39.23 -11.29 -3.67
N GLN B 226 -39.80 -10.20 -3.15
CA GLN B 226 -40.90 -9.52 -3.84
C GLN B 226 -40.41 -8.46 -4.81
N MET B 227 -39.50 -7.59 -4.38
CA MET B 227 -39.06 -6.48 -5.22
C MET B 227 -38.34 -6.96 -6.47
N SER B 228 -38.17 -8.27 -6.61
CA SER B 228 -37.58 -8.87 -7.80
C SER B 228 -38.66 -9.33 -8.76
N ASP B 229 -38.33 -9.36 -10.06
CA ASP B 229 -39.26 -9.82 -11.08
C ASP B 229 -39.16 -11.31 -11.37
N HIS B 230 -38.15 -11.99 -10.82
CA HIS B 230 -37.93 -13.42 -10.98
C HIS B 230 -37.57 -14.00 -9.62
N ARG B 231 -38.22 -15.12 -9.29
CA ARG B 231 -38.16 -15.65 -7.92
C ARG B 231 -36.93 -16.51 -7.71
N TYR B 232 -36.37 -16.43 -6.49
CA TYR B 232 -35.17 -17.16 -6.12
C TYR B 232 -35.51 -18.41 -5.33
N ASP B 233 -34.74 -19.48 -5.56
CA ASP B 233 -34.73 -20.60 -4.64
C ASP B 233 -33.91 -20.22 -3.41
N LYS B 234 -34.26 -20.82 -2.26
CA LYS B 234 -33.59 -20.50 -1.02
C LYS B 234 -33.07 -21.77 -0.36
N LEU B 235 -31.89 -21.67 0.22
CA LEU B 235 -31.33 -22.69 1.09
C LEU B 235 -31.36 -22.15 2.51
N THR B 236 -32.12 -22.80 3.38
CA THR B 236 -32.38 -22.29 4.72
C THR B 236 -31.45 -22.99 5.72
N VAL B 237 -30.59 -22.22 6.35
CA VAL B 237 -29.69 -22.75 7.37
C VAL B 237 -30.16 -22.28 8.75
N PRO B 238 -29.95 -23.08 9.80
CA PRO B 238 -30.41 -22.69 11.13
C PRO B 238 -29.61 -21.56 11.77
N ASP B 239 -28.33 -21.41 11.42
CA ASP B 239 -27.49 -20.38 12.00
C ASP B 239 -27.28 -19.26 10.99
N ASP B 240 -27.78 -18.06 11.34
CA ASP B 240 -27.65 -16.88 10.48
C ASP B 240 -26.23 -16.71 9.95
N ILE B 241 -25.24 -16.75 10.85
CA ILE B 241 -23.86 -16.50 10.46
C ILE B 241 -23.42 -17.48 9.38
N ALA B 242 -23.86 -18.73 9.48
CA ALA B 242 -23.51 -19.76 8.50
C ALA B 242 -24.22 -19.58 7.17
N ALA B 243 -25.18 -18.66 7.08
CA ALA B 243 -25.80 -18.36 5.80
C ALA B 243 -24.88 -17.56 4.89
N ASN B 244 -23.72 -17.13 5.40
CA ASN B 244 -22.73 -16.43 4.60
C ASN B 244 -21.71 -17.45 4.12
N CYS B 245 -21.74 -17.75 2.82
CA CYS B 245 -20.84 -18.69 2.18
C CYS B 245 -20.28 -18.02 0.94
N ILE B 246 -19.28 -18.65 0.32
CA ILE B 246 -18.74 -18.19 -0.95
C ILE B 246 -19.07 -19.24 -2.01
N TYR B 247 -19.85 -18.85 -3.00
CA TYR B 247 -20.12 -19.69 -4.16
C TYR B 247 -19.20 -19.29 -5.29
N LEU B 248 -18.62 -20.29 -5.96
CA LEU B 248 -17.74 -20.05 -7.10
C LEU B 248 -18.06 -21.06 -8.19
N ASN B 249 -18.14 -20.58 -9.42
CA ASN B 249 -18.22 -21.44 -10.59
C ASN B 249 -16.83 -21.50 -11.19
N ILE B 250 -16.15 -22.61 -10.96
CA ILE B 250 -14.74 -22.77 -11.33
C ILE B 250 -14.67 -23.64 -12.58
N PRO B 251 -13.92 -23.25 -13.61
CA PRO B 251 -13.77 -24.12 -14.78
C PRO B 251 -13.13 -25.44 -14.39
N ASN B 252 -13.57 -26.51 -15.04
CA ASN B 252 -13.12 -27.89 -14.83
C ASN B 252 -13.50 -28.44 -13.47
N LYS B 253 -14.30 -27.70 -12.67
CA LYS B 253 -14.68 -28.16 -11.34
C LYS B 253 -16.18 -27.99 -11.10
N GLY B 254 -16.78 -26.97 -11.67
CA GLY B 254 -18.22 -26.75 -11.54
C GLY B 254 -18.60 -25.93 -10.33
N HIS B 255 -19.74 -26.26 -9.72
CA HIS B 255 -20.19 -25.57 -8.52
C HIS B 255 -19.22 -25.82 -7.38
N VAL B 256 -18.89 -24.75 -6.65
CA VAL B 256 -17.98 -24.81 -5.51
C VAL B 256 -18.54 -23.91 -4.42
N LEU B 257 -18.59 -24.41 -3.19
CA LEU B 257 -19.11 -23.64 -2.07
C LEU B 257 -18.16 -23.73 -0.89
N LEU B 258 -17.72 -22.58 -0.40
CA LEU B 258 -16.98 -22.47 0.86
C LEU B 258 -17.99 -22.14 1.95
N HIS B 259 -18.09 -22.99 2.96
CA HIS B 259 -19.05 -22.79 4.03
C HIS B 259 -18.38 -23.10 5.36
N ARG B 260 -19.01 -22.64 6.44
CA ARG B 260 -18.45 -22.83 7.78
C ARG B 260 -18.44 -24.31 8.16
N THR B 261 -17.47 -24.68 9.00
CA THR B 261 -17.19 -26.08 9.26
C THR B 261 -18.30 -26.73 10.08
N PRO B 262 -18.44 -28.05 9.98
CA PRO B 262 -19.35 -28.77 10.90
C PRO B 262 -18.95 -28.61 12.36
N GLU B 263 -17.65 -28.39 12.62
CA GLU B 263 -17.24 -28.18 14.00
C GLU B 263 -17.75 -26.85 14.53
N GLU B 264 -17.86 -25.84 13.65
CA GLU B 264 -18.37 -24.55 14.07
C GLU B 264 -19.89 -24.55 14.13
N TYR B 265 -20.55 -24.98 13.05
CA TYR B 265 -22.01 -24.96 12.95
C TYR B 265 -22.45 -26.28 12.35
N PRO B 266 -22.58 -27.33 13.17
CA PRO B 266 -22.86 -28.67 12.63
C PRO B 266 -24.17 -28.78 11.90
N GLU B 267 -25.25 -28.19 12.42
CA GLU B 267 -26.55 -28.37 11.78
C GLU B 267 -26.63 -27.56 10.50
N SER B 268 -25.93 -26.43 10.43
CA SER B 268 -25.95 -25.64 9.21
C SER B 268 -25.14 -26.31 8.11
N ALA B 269 -23.93 -26.77 8.44
CA ALA B 269 -23.13 -27.55 7.50
C ALA B 269 -23.90 -28.75 6.97
N LYS B 270 -24.81 -29.31 7.77
CA LYS B 270 -25.64 -30.41 7.29
C LYS B 270 -26.54 -29.97 6.14
N VAL B 271 -27.13 -28.77 6.26
CA VAL B 271 -28.00 -28.27 5.20
C VAL B 271 -27.25 -28.14 3.89
N TYR B 272 -26.01 -27.65 3.94
CA TYR B 272 -25.21 -27.50 2.74
C TYR B 272 -24.86 -28.83 2.09
N GLU B 273 -24.86 -29.92 2.84
CA GLU B 273 -24.51 -31.20 2.23
C GLU B 273 -25.56 -31.68 1.24
N LYS B 274 -26.77 -31.12 1.29
CA LYS B 274 -27.80 -31.46 0.32
C LYS B 274 -27.43 -31.03 -1.09
N LEU B 275 -26.54 -30.06 -1.23
CA LEU B 275 -26.06 -29.63 -2.54
C LEU B 275 -25.14 -30.70 -3.11
N LYS B 276 -25.76 -31.74 -3.68
CA LYS B 276 -25.01 -32.90 -4.15
C LYS B 276 -24.13 -32.56 -5.34
N ASP B 277 -24.47 -31.53 -6.09
CA ASP B 277 -23.72 -31.15 -7.28
C ASP B 277 -22.64 -30.11 -6.99
N HIS B 278 -22.53 -29.63 -5.76
CA HIS B 278 -21.50 -28.66 -5.39
C HIS B 278 -20.30 -29.35 -4.77
N MET B 279 -19.11 -28.82 -5.05
CA MET B 279 -17.92 -29.18 -4.29
C MET B 279 -17.90 -28.35 -3.01
N LEU B 280 -18.14 -29.00 -1.88
CA LEU B 280 -18.24 -28.31 -0.61
C LEU B 280 -16.88 -28.27 0.08
N ILE B 281 -16.47 -27.08 0.51
CA ILE B 281 -15.20 -26.87 1.20
C ILE B 281 -15.46 -26.21 2.55
N PRO B 282 -15.27 -26.91 3.66
CA PRO B 282 -15.43 -26.27 4.98
C PRO B 282 -14.26 -25.34 5.28
N VAL B 283 -14.58 -24.14 5.76
CA VAL B 283 -13.58 -23.13 6.08
C VAL B 283 -13.90 -22.54 7.44
N SER B 284 -12.93 -22.57 8.36
CA SER B 284 -13.12 -22.02 9.70
C SER B 284 -12.99 -20.50 9.68
N MET B 285 -13.83 -19.84 10.47
CA MET B 285 -13.72 -18.39 10.66
C MET B 285 -14.13 -18.01 12.07
N SER B 286 -13.86 -18.88 13.05
CA SER B 286 -14.42 -18.69 14.39
C SER B 286 -13.88 -17.44 15.08
N GLU B 287 -12.66 -17.03 14.78
CA GLU B 287 -12.12 -15.87 15.50
C GLU B 287 -12.60 -14.55 14.90
N LEU B 288 -12.52 -14.41 13.58
CA LEU B 288 -12.95 -13.16 12.95
C LEU B 288 -14.45 -12.94 13.10
N GLU B 289 -15.21 -14.02 13.25
CA GLU B 289 -16.63 -13.90 13.57
C GLU B 289 -16.88 -13.04 14.79
N LYS B 290 -15.93 -13.02 15.74
CA LYS B 290 -16.11 -12.24 16.96
C LYS B 290 -16.17 -10.74 16.70
N VAL B 291 -15.56 -10.27 15.61
CA VAL B 291 -15.67 -8.88 15.21
C VAL B 291 -16.56 -8.78 13.97
N ASP B 292 -17.51 -9.71 13.86
CA ASP B 292 -18.61 -9.69 12.90
C ASP B 292 -18.20 -10.01 11.46
N GLY B 293 -16.95 -10.42 11.23
CA GLY B 293 -16.49 -10.69 9.88
C GLY B 293 -16.81 -12.11 9.45
N LEU B 294 -17.34 -12.24 8.25
CA LEU B 294 -17.77 -13.53 7.73
C LEU B 294 -16.98 -13.89 6.47
N LEU B 295 -17.36 -15.01 5.85
CA LEU B 295 -16.56 -15.60 4.78
C LEU B 295 -16.44 -14.68 3.57
N THR B 296 -17.57 -14.17 3.07
CA THR B 296 -17.51 -13.32 1.87
C THR B 296 -16.72 -12.05 2.13
N CYS B 297 -16.65 -11.66 3.40
CA CYS B 297 -16.09 -10.33 3.78
C CYS B 297 -14.60 -10.27 3.62
N CYS B 298 -13.95 -11.42 3.45
CA CYS B 298 -12.50 -11.50 3.54
C CYS B 298 -11.86 -11.54 2.13
N SER B 299 -12.68 -11.32 1.10
CA SER B 299 -12.19 -11.38 -0.27
C SER B 299 -13.08 -10.56 -1.20
N VAL B 300 -12.48 -10.02 -2.25
CA VAL B 300 -13.20 -9.42 -3.36
C VAL B 300 -12.89 -10.26 -4.59
N LEU B 301 -13.94 -10.81 -5.21
CA LEU B 301 -13.78 -11.73 -6.32
C LEU B 301 -13.92 -11.00 -7.65
N ILE B 302 -13.09 -11.41 -8.62
CA ILE B 302 -12.95 -10.71 -9.90
C ILE B 302 -12.91 -11.73 -11.03
N ASN B 303 -13.77 -11.55 -12.02
CA ASN B 303 -13.84 -12.41 -13.21
C ASN B 303 -13.22 -11.65 -14.38
N LYS B 304 -11.91 -11.80 -14.55
CA LYS B 304 -11.19 -11.15 -15.63
C LYS B 304 -11.35 -11.98 -16.90
N LYS B 305 -12.29 -11.58 -17.76
CA LYS B 305 -12.55 -12.26 -19.02
C LYS B 305 -11.31 -12.35 -19.91
C4 NQ6 C . 14.70 6.39 -3.32
C5 NQ6 C . 14.44 5.07 -3.72
C10 NQ6 C . 14.99 3.25 -10.15
C1 NQ6 C . 15.52 5.43 -5.78
C2 NQ6 C . 15.81 6.75 -5.42
C3 NQ6 C . 15.39 7.23 -4.20
C11 NQ6 C . 14.85 1.89 -9.53
C7 NQ6 C . 15.16 4.37 -7.86
C8 NQ6 C . 15.79 4.20 -9.23
N1 NQ6 C . 15.95 4.98 -6.98
N15 NQ6 C . 13.66 3.85 -10.49
N6 NQ6 C . 14.85 4.64 -4.92
O12 NQ6 C . 13.72 1.34 -9.52
O14 NQ6 C . 15.86 1.35 -9.03
O9 NQ6 C . 14.03 3.99 -7.62
C4 NQ6 D . -20.11 -9.22 7.06
C5 NQ6 D . -20.62 -8.38 8.04
C10 NQ6 D . -16.73 -4.07 11.22
C1 NQ6 D . -18.77 -6.95 7.84
C2 NQ6 D . -18.21 -7.76 6.85
C3 NQ6 D . -18.89 -8.91 6.47
C11 NQ6 D . -18.03 -3.70 11.87
C7 NQ6 D . -17.76 -5.58 9.49
C8 NQ6 D . -16.90 -4.35 9.73
N1 NQ6 D . -18.11 -5.82 8.22
N15 NQ6 D . -16.08 -5.23 11.90
N6 NQ6 D . -19.95 -7.27 8.41
O12 NQ6 D . -18.33 -4.23 12.98
O14 NQ6 D . -18.77 -2.90 11.27
O9 NQ6 D . -18.09 -6.30 10.43
#